data_1IOO
#
_entry.id   1IOO
#
_cell.length_a   65.869
_cell.length_b   44.731
_cell.length_c   64.360
_cell.angle_alpha   90.00
_cell.angle_beta   90.27
_cell.angle_gamma   90.00
#
_symmetry.space_group_name_H-M   'P 1 21 1'
#
loop_
_entity.id
_entity.type
_entity.pdbx_description
1 polymer SF11-RNASE
2 branched beta-D-xylopyranose-(1-2)-[alpha-D-mannopyranose-(1-6)]beta-D-mannopyranose-(1-4)-2-acetamido-2-deoxy-beta-D-glucopyranose-(1-4)-2-acetamido-2-deoxy-beta-D-glucopyranose
3 branched 2-acetamido-2-deoxy-beta-D-glucopyranose-(1-2)-alpha-D-mannopyranose-(1-3)-[beta-D-xylopyranose-(1-2)][alpha-D-mannopyranose-(1-6)]beta-D-mannopyranose-(1-4)-2-acetamido-2-deoxy-beta-D-glucopyranose-(1-4)-2-acetamido-2-deoxy-beta-D-glucopyranose
4 water water
#
_entity_poly.entity_id   1
_entity_poly.type   'polypeptide(L)'
_entity_poly.pdbx_seq_one_letter_code
;DFEYLQLVLTWPASFCYANHCERIAPNNFTIHGLWPDNVKTRLHNCKPKPTYSYFTGKMLNDLDKHWMQLKFEQDYGRTE
QPSWKYQYIKHGSCCQKRYNQNTYFGLALRLKDKFDLLRTLQTHRIIPGSSYTFQDIFDAIKTVSQENPDIKCAEVTKGT
PELYEIGICFTPNADSMFRCPQSDTCDKTAKVLFRR
;
_entity_poly.pdbx_strand_id   A,B
#
loop_
_chem_comp.id
_chem_comp.type
_chem_comp.name
_chem_comp.formula
BMA D-saccharide, beta linking beta-D-mannopyranose 'C6 H12 O6'
MAN D-saccharide, alpha linking alpha-D-mannopyranose 'C6 H12 O6'
NAG D-saccharide, beta linking 2-acetamido-2-deoxy-beta-D-glucopyranose 'C8 H15 N O6'
XYP D-saccharide, beta linking beta-D-xylopyranose 'C5 H10 O5'
#
# COMPACT_ATOMS: atom_id res chain seq x y z
N ASP A 1 29.28 4.94 -7.85
CA ASP A 1 28.29 5.64 -8.72
C ASP A 1 27.43 4.64 -9.46
N PHE A 2 26.12 4.85 -9.42
CA PHE A 2 25.18 3.97 -10.09
C PHE A 2 25.29 4.09 -11.61
N GLU A 3 24.65 3.18 -12.33
CA GLU A 3 24.75 3.14 -13.78
C GLU A 3 23.71 4.01 -14.48
N TYR A 4 22.48 4.06 -13.96
CA TYR A 4 21.45 4.84 -14.63
C TYR A 4 20.32 5.24 -13.68
N LEU A 5 19.49 6.16 -14.16
CA LEU A 5 18.30 6.60 -13.44
C LEU A 5 17.08 6.13 -14.19
N GLN A 6 16.14 5.52 -13.48
CA GLN A 6 14.92 5.09 -14.13
C GLN A 6 13.72 5.87 -13.64
N LEU A 7 13.14 6.66 -14.53
CA LEU A 7 11.92 7.37 -14.20
C LEU A 7 10.75 6.43 -14.39
N VAL A 8 10.03 6.13 -13.32
CA VAL A 8 8.91 5.22 -13.40
C VAL A 8 7.60 5.97 -13.36
N LEU A 9 6.84 5.87 -14.44
CA LEU A 9 5.56 6.55 -14.55
C LEU A 9 4.41 5.56 -14.43
N THR A 10 3.49 5.88 -13.53
CA THR A 10 2.33 5.05 -13.27
C THR A 10 1.13 5.47 -14.11
N TRP A 11 0.39 4.48 -14.61
CA TRP A 11 -0.88 4.75 -15.24
C TRP A 11 -1.95 4.60 -14.17
N PRO A 12 -2.44 5.72 -13.61
CA PRO A 12 -3.44 5.73 -12.53
C PRO A 12 -4.60 4.76 -12.62
N ALA A 13 -5.25 4.70 -13.77
CA ALA A 13 -6.38 3.80 -13.92
C ALA A 13 -5.99 2.36 -13.59
N SER A 14 -4.80 1.96 -14.02
CA SER A 14 -4.32 0.61 -13.73
C SER A 14 -3.91 0.48 -12.27
N PHE A 15 -3.18 1.47 -11.76
CA PHE A 15 -2.73 1.41 -10.38
C PHE A 15 -3.91 1.29 -9.42
N CYS A 16 -4.98 2.04 -9.66
CA CYS A 16 -6.12 2.04 -8.77
C CYS A 16 -7.02 0.83 -8.97
N TYR A 17 -6.75 0.06 -10.01
CA TYR A 17 -7.51 -1.17 -10.25
C TYR A 17 -6.83 -2.35 -9.54
N ALA A 18 -5.52 -2.26 -9.40
CA ALA A 18 -4.74 -3.31 -8.78
C ALA A 18 -4.45 -3.02 -7.32
N ASN A 19 -4.68 -1.78 -6.90
CA ASN A 19 -4.43 -1.37 -5.52
C ASN A 19 -5.55 -0.51 -4.99
N HIS A 20 -5.62 -0.37 -3.67
CA HIS A 20 -6.62 0.47 -3.07
C HIS A 20 -6.17 1.93 -3.12
N CYS A 21 -6.98 2.78 -3.74
CA CYS A 21 -6.65 4.19 -3.86
C CYS A 21 -7.56 5.05 -3.02
N GLU A 22 -6.99 6.08 -2.41
CA GLU A 22 -7.75 7.04 -1.63
C GLU A 22 -7.95 8.33 -2.41
N ARG A 23 -7.23 8.44 -3.53
CA ARG A 23 -7.35 9.60 -4.41
C ARG A 23 -8.01 9.21 -5.72
N ILE A 24 -8.68 10.15 -6.36
CA ILE A 24 -9.25 9.88 -7.67
C ILE A 24 -8.13 9.72 -8.67
N ALA A 25 -8.17 8.66 -9.48
CA ALA A 25 -7.11 8.40 -10.44
C ALA A 25 -7.08 9.46 -11.54
N PRO A 26 -5.96 10.20 -11.67
CA PRO A 26 -5.88 11.22 -12.72
C PRO A 26 -5.88 10.52 -14.08
N ASN A 27 -6.38 11.20 -15.10
CA ASN A 27 -6.41 10.63 -16.45
C ASN A 27 -5.12 10.94 -17.20
N ASN A 28 -4.00 10.80 -16.49
CA ASN A 28 -2.70 11.05 -17.06
C ASN A 28 -1.65 10.32 -16.26
N PHE A 29 -0.50 10.05 -16.87
CA PHE A 29 0.55 9.37 -16.15
C PHE A 29 1.06 10.22 -15.00
N THR A 30 1.41 9.55 -13.92
CA THR A 30 1.97 10.22 -12.75
C THR A 30 3.27 9.56 -12.36
N ILE A 31 4.07 10.24 -11.55
CA ILE A 31 5.35 9.68 -11.14
C ILE A 31 5.17 8.65 -10.03
N HIS A 32 5.78 7.49 -10.21
CA HIS A 32 5.80 6.45 -9.18
C HIS A 32 7.11 6.50 -8.44
N GLY A 33 8.16 6.81 -9.19
CA GLY A 33 9.48 6.93 -8.61
C GLY A 33 10.56 7.30 -9.61
N LEU A 34 11.73 7.59 -9.04
CA LEU A 34 12.94 7.89 -9.78
C LEU A 34 14.05 7.07 -9.16
N TRP A 35 14.39 5.96 -9.79
CA TRP A 35 15.28 4.99 -9.16
C TRP A 35 16.69 4.93 -9.72
N PRO A 36 17.68 5.31 -8.89
CA PRO A 36 19.05 5.22 -9.38
C PRO A 36 19.29 3.70 -9.36
N ASP A 37 19.96 3.15 -10.35
CA ASP A 37 20.11 1.70 -10.33
C ASP A 37 21.31 1.22 -11.11
N ASN A 38 21.48 -0.11 -11.03
CA ASN A 38 22.51 -0.84 -11.75
C ASN A 38 21.86 -1.98 -12.49
N VAL A 39 22.44 -2.39 -13.61
CA VAL A 39 21.86 -3.47 -14.40
C VAL A 39 21.94 -4.80 -13.64
N LYS A 40 23.09 -5.07 -13.02
CA LYS A 40 23.32 -6.29 -12.28
C LYS A 40 22.26 -6.50 -11.19
N THR A 41 22.55 -6.02 -9.99
CA THR A 41 21.64 -6.17 -8.87
C THR A 41 20.92 -4.86 -8.56
N ARG A 42 19.72 -4.97 -8.01
CA ARG A 42 18.92 -3.79 -7.68
C ARG A 42 19.56 -2.96 -6.57
N LEU A 43 19.64 -1.66 -6.81
CA LEU A 43 20.20 -0.72 -5.84
C LEU A 43 19.08 -0.08 -5.02
N HIS A 44 19.21 -0.12 -3.69
CA HIS A 44 18.17 0.44 -2.83
C HIS A 44 18.66 0.58 -1.39
N ASN A 45 17.98 1.45 -0.64
CA ASN A 45 18.31 1.68 0.76
C ASN A 45 19.80 1.92 0.96
N CYS A 46 20.33 2.87 0.20
CA CYS A 46 21.74 3.22 0.29
C CYS A 46 22.02 4.02 1.56
N LYS A 47 23.22 3.84 2.11
CA LYS A 47 23.61 4.53 3.33
C LYS A 47 24.51 5.72 3.01
N PRO A 48 24.44 6.78 3.83
CA PRO A 48 23.55 6.82 4.99
C PRO A 48 22.14 7.26 4.61
N LYS A 49 21.17 6.88 5.44
CA LYS A 49 19.79 7.28 5.21
C LYS A 49 19.67 8.79 5.26
N PRO A 50 19.15 9.41 4.18
CA PRO A 50 19.00 10.87 4.11
C PRO A 50 17.77 11.38 4.85
N THR A 51 17.96 12.45 5.63
CA THR A 51 16.86 13.05 6.37
C THR A 51 15.86 13.67 5.41
N TYR A 52 14.58 13.42 5.67
CA TYR A 52 13.52 13.97 4.82
C TYR A 52 12.87 15.17 5.45
N SER A 53 12.79 16.26 4.70
CA SER A 53 12.12 17.47 5.13
C SER A 53 10.80 17.61 4.41
N TYR A 54 9.75 17.99 5.14
CA TYR A 54 8.44 18.08 4.53
C TYR A 54 8.34 19.29 3.60
N PHE A 55 7.89 19.03 2.37
CA PHE A 55 7.72 20.07 1.36
C PHE A 55 6.52 20.97 1.67
N THR A 56 6.61 22.20 1.18
CA THR A 56 5.54 23.17 1.35
C THR A 56 5.39 24.00 0.09
N GLY A 57 4.35 24.83 0.07
CA GLY A 57 4.12 25.72 -1.06
C GLY A 57 4.05 25.16 -2.47
N LYS A 58 4.81 25.77 -3.37
CA LYS A 58 4.81 25.38 -4.78
C LYS A 58 5.24 23.93 -4.97
N MET A 59 6.38 23.56 -4.39
CA MET A 59 6.87 22.19 -4.54
C MET A 59 5.82 21.18 -4.07
N LEU A 60 5.16 21.50 -2.97
CA LEU A 60 4.13 20.62 -2.45
C LEU A 60 2.96 20.49 -3.43
N ASN A 61 2.51 21.62 -3.98
CA ASN A 61 1.43 21.57 -4.95
C ASN A 61 1.84 20.84 -6.22
N ASP A 62 3.08 21.04 -6.64
CA ASP A 62 3.58 20.39 -7.84
C ASP A 62 3.65 18.88 -7.66
N LEU A 63 4.14 18.45 -6.50
CA LEU A 63 4.27 17.02 -6.23
C LEU A 63 2.92 16.35 -6.04
N ASP A 64 1.99 17.04 -5.38
CA ASP A 64 0.68 16.44 -5.17
C ASP A 64 -0.01 16.13 -6.48
N LYS A 65 0.29 16.93 -7.50
CA LYS A 65 -0.31 16.71 -8.81
C LYS A 65 0.49 15.70 -9.64
N HIS A 66 1.78 15.98 -9.83
CA HIS A 66 2.62 15.16 -10.71
C HIS A 66 3.09 13.86 -10.07
N TRP A 67 3.20 13.85 -8.75
CA TRP A 67 3.60 12.65 -8.01
C TRP A 67 2.53 12.32 -6.97
N MET A 68 1.28 12.38 -7.42
CA MET A 68 0.16 12.15 -6.52
C MET A 68 0.31 10.83 -5.77
N GLN A 69 0.17 10.90 -4.45
CA GLN A 69 0.22 9.71 -3.61
C GLN A 69 -1.16 9.07 -3.56
N LEU A 70 -1.43 8.27 -4.58
CA LEU A 70 -2.75 7.67 -4.82
C LEU A 70 -3.30 6.84 -3.67
N LYS A 71 -2.43 6.27 -2.83
CA LYS A 71 -2.90 5.39 -1.76
C LYS A 71 -3.38 6.13 -0.51
N PHE A 72 -3.16 7.44 -0.45
CA PHE A 72 -3.53 8.18 0.75
C PHE A 72 -4.45 9.35 0.46
N GLU A 73 -5.24 9.71 1.48
CA GLU A 73 -6.11 10.87 1.39
C GLU A 73 -5.26 12.10 1.07
N GLN A 74 -5.85 13.09 0.42
CA GLN A 74 -5.11 14.29 0.05
C GLN A 74 -4.52 15.00 1.27
N ASP A 75 -5.29 15.16 2.34
CA ASP A 75 -4.79 15.86 3.53
C ASP A 75 -3.57 15.14 4.12
N TYR A 76 -3.71 13.84 4.36
CA TYR A 76 -2.61 13.06 4.92
C TYR A 76 -1.41 13.08 3.97
N GLY A 77 -1.68 12.93 2.69
CA GLY A 77 -0.61 12.94 1.71
C GLY A 77 0.18 14.23 1.72
N ARG A 78 -0.52 15.36 1.75
CA ARG A 78 0.13 16.68 1.72
C ARG A 78 0.84 16.99 3.04
N THR A 79 0.30 16.49 4.14
CA THR A 79 0.85 16.79 5.46
C THR A 79 1.99 15.84 5.85
N GLU A 80 1.75 14.54 5.78
CA GLU A 80 2.74 13.56 6.22
C GLU A 80 3.61 13.02 5.09
N GLN A 81 3.20 13.27 3.85
CA GLN A 81 4.00 12.88 2.67
C GLN A 81 4.65 11.49 2.82
N PRO A 82 3.85 10.47 3.12
CA PRO A 82 4.36 9.11 3.32
C PRO A 82 5.07 8.47 2.14
N SER A 83 4.52 8.61 0.94
CA SER A 83 5.12 7.97 -0.23
C SER A 83 6.36 8.70 -0.71
N TRP A 84 6.33 10.03 -0.69
CA TRP A 84 7.50 10.79 -1.09
C TRP A 84 8.66 10.49 -0.15
N LYS A 85 8.38 10.42 1.15
CA LYS A 85 9.41 10.12 2.13
C LYS A 85 9.98 8.72 1.90
N TYR A 86 9.12 7.75 1.71
CA TYR A 86 9.56 6.37 1.50
C TYR A 86 10.44 6.27 0.25
N GLN A 87 10.00 6.89 -0.83
CA GLN A 87 10.74 6.85 -2.09
C GLN A 87 12.08 7.55 -1.96
N TYR A 88 12.13 8.63 -1.19
CA TYR A 88 13.38 9.36 -1.00
C TYR A 88 14.39 8.53 -0.21
N ILE A 89 13.94 7.91 0.87
CA ILE A 89 14.83 7.12 1.70
C ILE A 89 15.28 5.84 0.98
N LYS A 90 14.38 5.19 0.27
CA LYS A 90 14.71 3.94 -0.40
C LYS A 90 15.50 4.16 -1.70
N HIS A 91 15.16 5.19 -2.47
CA HIS A 91 15.81 5.40 -3.76
C HIS A 91 16.62 6.68 -3.81
N GLY A 92 16.08 7.77 -3.28
CA GLY A 92 16.82 9.02 -3.30
C GLY A 92 18.17 8.89 -2.61
N SER A 93 18.23 7.97 -1.66
CA SER A 93 19.44 7.72 -0.89
C SER A 93 20.59 7.19 -1.76
N CYS A 94 20.26 6.74 -2.97
CA CYS A 94 21.26 6.13 -3.83
C CYS A 94 21.86 7.11 -4.84
N CYS A 95 21.50 8.39 -4.76
CA CYS A 95 22.05 9.40 -5.66
C CYS A 95 22.29 10.72 -4.92
N GLN A 96 22.96 10.63 -3.78
CA GLN A 96 23.20 11.79 -2.94
C GLN A 96 24.41 12.62 -3.36
N LYS A 97 25.24 12.10 -4.25
CA LYS A 97 26.41 12.87 -4.67
C LYS A 97 26.04 13.96 -5.65
N ARG A 98 25.09 13.68 -6.52
CA ARG A 98 24.67 14.64 -7.53
C ARG A 98 23.40 15.38 -7.13
N TYR A 99 22.63 14.83 -6.20
CA TYR A 99 21.36 15.46 -5.85
C TYR A 99 21.12 15.55 -4.35
N ASN A 100 20.33 16.56 -3.98
CA ASN A 100 19.85 16.69 -2.63
C ASN A 100 18.34 16.44 -2.65
N GLN A 101 17.67 16.51 -1.52
CA GLN A 101 16.24 16.24 -1.53
C GLN A 101 15.51 17.11 -2.55
N ASN A 102 15.82 18.39 -2.54
CA ASN A 102 15.15 19.35 -3.42
C ASN A 102 15.44 19.08 -4.91
N THR A 103 16.69 18.82 -5.25
CA THR A 103 17.02 18.61 -6.65
C THR A 103 16.64 17.22 -7.13
N TYR A 104 16.52 16.27 -6.21
CA TYR A 104 16.06 14.93 -6.56
C TYR A 104 14.59 14.98 -6.99
N PHE A 105 13.76 15.58 -6.16
CA PHE A 105 12.34 15.72 -6.51
C PHE A 105 12.17 16.69 -7.67
N GLY A 106 13.01 17.72 -7.72
CA GLY A 106 12.93 18.67 -8.82
C GLY A 106 13.26 18.00 -10.14
N LEU A 107 14.23 17.10 -10.11
CA LEU A 107 14.61 16.35 -11.30
C LEU A 107 13.46 15.46 -11.77
N ALA A 108 12.83 14.76 -10.82
CA ALA A 108 11.71 13.91 -11.14
C ALA A 108 10.62 14.70 -11.87
N LEU A 109 10.33 15.90 -11.37
CA LEU A 109 9.32 16.74 -11.98
C LEU A 109 9.75 17.18 -13.38
N ARG A 110 11.03 17.54 -13.52
CA ARG A 110 11.57 17.96 -14.81
C ARG A 110 11.49 16.85 -15.85
N LEU A 111 11.90 15.65 -15.46
CA LEU A 111 11.87 14.52 -16.38
C LEU A 111 10.44 14.16 -16.77
N LYS A 112 9.53 14.23 -15.81
CA LYS A 112 8.13 13.94 -16.08
C LYS A 112 7.55 14.93 -17.11
N ASP A 113 7.93 16.20 -16.94
CA ASP A 113 7.47 17.27 -17.81
C ASP A 113 7.99 17.12 -19.23
N LYS A 114 9.04 16.32 -19.40
CA LYS A 114 9.62 16.10 -20.72
C LYS A 114 8.73 15.22 -21.59
N PHE A 115 7.78 14.53 -20.97
CA PHE A 115 6.96 13.60 -21.72
C PHE A 115 5.47 13.84 -21.58
N ASP A 116 4.78 13.39 -22.62
CA ASP A 116 3.34 13.33 -22.66
C ASP A 116 3.01 12.01 -23.33
N LEU A 117 3.29 10.93 -22.59
CA LEU A 117 3.14 9.58 -23.10
C LEU A 117 1.73 9.29 -23.55
N LEU A 118 0.74 9.84 -22.86
CA LEU A 118 -0.64 9.62 -23.26
C LEU A 118 -0.87 10.13 -24.68
N ARG A 119 -0.33 11.31 -24.98
CA ARG A 119 -0.46 11.90 -26.31
C ARG A 119 0.38 11.12 -27.33
N THR A 120 1.59 10.73 -26.93
CA THR A 120 2.45 9.94 -27.81
C THR A 120 1.78 8.63 -28.20
N LEU A 121 1.17 7.96 -27.23
CA LEU A 121 0.48 6.73 -27.51
C LEU A 121 -0.69 6.99 -28.46
N GLN A 122 -1.43 8.07 -28.20
CA GLN A 122 -2.58 8.42 -29.01
C GLN A 122 -2.19 8.65 -30.49
N THR A 123 -1.08 9.33 -30.73
CA THR A 123 -0.65 9.60 -32.09
C THR A 123 -0.18 8.32 -32.79
N HIS A 124 0.00 7.26 -31.99
CA HIS A 124 0.37 5.95 -32.52
C HIS A 124 -0.87 5.04 -32.55
N ARG A 125 -2.03 5.66 -32.37
CA ARG A 125 -3.32 4.98 -32.39
C ARG A 125 -3.46 4.00 -31.24
N ILE A 126 -2.86 4.35 -30.12
CA ILE A 126 -2.97 3.55 -28.89
C ILE A 126 -3.64 4.37 -27.82
N ILE A 127 -4.89 4.03 -27.50
CA ILE A 127 -5.65 4.80 -26.52
C ILE A 127 -6.29 3.89 -25.47
N PRO A 128 -6.63 4.45 -24.30
CA PRO A 128 -7.26 3.67 -23.24
C PRO A 128 -8.58 3.07 -23.69
N GLY A 129 -8.90 1.89 -23.16
CA GLY A 129 -10.15 1.25 -23.52
C GLY A 129 -10.00 0.07 -24.47
N SER A 130 -8.79 -0.17 -24.95
CA SER A 130 -8.53 -1.29 -25.86
C SER A 130 -7.20 -1.96 -25.53
N SER A 131 -6.90 -3.02 -26.26
CA SER A 131 -5.66 -3.76 -26.05
C SER A 131 -4.75 -3.67 -27.27
N TYR A 132 -3.45 -3.70 -27.01
CA TYR A 132 -2.46 -3.58 -28.08
C TYR A 132 -1.29 -4.50 -27.83
N THR A 133 -0.54 -4.80 -28.87
CA THR A 133 0.62 -5.66 -28.72
C THR A 133 1.70 -4.94 -27.95
N PHE A 134 2.53 -5.72 -27.24
CA PHE A 134 3.62 -5.15 -26.48
C PHE A 134 4.53 -4.33 -27.39
N GLN A 135 4.84 -4.88 -28.57
CA GLN A 135 5.73 -4.24 -29.51
C GLN A 135 5.22 -2.88 -29.96
N ASP A 136 3.92 -2.78 -30.20
CA ASP A 136 3.33 -1.50 -30.62
C ASP A 136 3.48 -0.45 -29.53
N ILE A 137 3.22 -0.85 -28.29
CA ILE A 137 3.37 0.07 -27.16
C ILE A 137 4.84 0.47 -27.01
N PHE A 138 5.71 -0.53 -27.01
CA PHE A 138 7.15 -0.32 -26.90
C PHE A 138 7.65 0.66 -27.97
N ASP A 139 7.31 0.37 -29.23
CA ASP A 139 7.74 1.22 -30.35
C ASP A 139 7.28 2.67 -30.17
N ALA A 140 6.03 2.86 -29.78
CA ALA A 140 5.49 4.20 -29.59
C ALA A 140 6.28 4.98 -28.54
N ILE A 141 6.54 4.35 -27.40
CA ILE A 141 7.28 5.01 -26.33
C ILE A 141 8.72 5.30 -26.73
N LYS A 142 9.35 4.38 -27.46
CA LYS A 142 10.75 4.57 -27.84
C LYS A 142 10.93 5.80 -28.73
N THR A 143 9.86 6.27 -29.36
CA THR A 143 9.99 7.45 -30.21
C THR A 143 10.37 8.67 -29.40
N VAL A 144 10.08 8.63 -28.09
CA VAL A 144 10.42 9.76 -27.22
C VAL A 144 11.49 9.39 -26.20
N SER A 145 11.58 8.10 -25.86
CA SER A 145 12.61 7.67 -24.90
C SER A 145 13.97 7.53 -25.61
N GLN A 146 13.92 7.41 -26.94
CA GLN A 146 15.14 7.26 -27.77
C GLN A 146 15.78 5.90 -27.55
N GLU A 147 16.15 5.64 -26.30
CA GLU A 147 16.67 4.35 -25.95
C GLU A 147 15.53 3.47 -25.47
N ASN A 148 15.78 2.17 -25.33
CA ASN A 148 14.73 1.24 -24.95
C ASN A 148 14.07 1.59 -23.62
N PRO A 149 12.74 1.72 -23.63
CA PRO A 149 12.00 2.02 -22.41
C PRO A 149 11.64 0.68 -21.79
N ASP A 150 11.09 0.69 -20.58
CA ASP A 150 10.65 -0.56 -19.98
C ASP A 150 9.15 -0.54 -19.78
N ILE A 151 8.44 -1.34 -20.58
CA ILE A 151 7.00 -1.44 -20.47
C ILE A 151 6.65 -2.49 -19.42
N LYS A 152 6.02 -2.06 -18.33
CA LYS A 152 5.70 -2.95 -17.23
C LYS A 152 4.22 -3.30 -17.19
N CYS A 153 3.92 -4.58 -17.09
CA CYS A 153 2.54 -5.01 -17.05
C CYS A 153 2.18 -5.62 -15.72
N ALA A 154 0.87 -5.64 -15.46
CA ALA A 154 0.31 -6.25 -14.30
C ALA A 154 -0.86 -7.10 -14.73
N GLU A 155 -1.14 -8.16 -13.99
CA GLU A 155 -2.27 -9.01 -14.31
C GLU A 155 -3.22 -9.09 -13.14
N VAL A 156 -4.17 -8.17 -13.08
CA VAL A 156 -5.18 -8.19 -12.02
C VAL A 156 -6.03 -9.43 -12.17
N THR A 157 -6.25 -9.80 -13.43
CA THR A 157 -6.93 -11.03 -13.78
C THR A 157 -5.95 -11.91 -14.53
N LYS A 158 -5.76 -13.14 -14.07
CA LYS A 158 -4.81 -14.02 -14.72
C LYS A 158 -5.13 -14.17 -16.20
N GLY A 159 -4.15 -13.87 -17.05
CA GLY A 159 -4.37 -13.97 -18.48
C GLY A 159 -4.74 -12.67 -19.15
N THR A 160 -4.87 -11.60 -18.37
CA THR A 160 -5.20 -10.30 -18.91
C THR A 160 -4.15 -9.26 -18.55
N PRO A 161 -3.00 -9.30 -19.23
CA PRO A 161 -1.97 -8.32 -18.89
C PRO A 161 -2.42 -6.91 -19.27
N GLU A 162 -2.06 -5.93 -18.45
CA GLU A 162 -2.41 -4.56 -18.73
C GLU A 162 -1.26 -3.62 -18.45
N LEU A 163 -1.24 -2.50 -19.16
CA LEU A 163 -0.19 -1.51 -18.96
C LEU A 163 -0.28 -0.93 -17.57
N TYR A 164 0.75 -1.14 -16.77
CA TYR A 164 0.74 -0.71 -15.38
C TYR A 164 1.67 0.48 -15.15
N GLU A 165 2.90 0.37 -15.63
CA GLU A 165 3.88 1.43 -15.50
C GLU A 165 4.81 1.47 -16.69
N ILE A 166 5.40 2.63 -16.93
CA ILE A 166 6.38 2.78 -18.00
C ILE A 166 7.65 3.37 -17.44
N GLY A 167 8.77 2.71 -17.71
CA GLY A 167 10.04 3.21 -17.23
C GLY A 167 10.86 3.78 -18.37
N ILE A 168 11.47 4.93 -18.10
CA ILE A 168 12.35 5.60 -19.03
C ILE A 168 13.66 5.89 -18.33
N CYS A 169 14.77 5.45 -18.92
CA CYS A 169 16.07 5.55 -18.27
C CYS A 169 16.93 6.68 -18.82
N PHE A 170 17.75 7.22 -17.92
CA PHE A 170 18.65 8.32 -18.23
C PHE A 170 20.02 8.07 -17.63
N THR A 171 21.02 8.79 -18.10
CA THR A 171 22.33 8.69 -17.49
C THR A 171 22.27 9.27 -16.08
N PRO A 172 23.22 8.91 -15.21
CA PRO A 172 23.22 9.40 -13.82
C PRO A 172 23.05 10.92 -13.69
N ASN A 173 23.61 11.68 -14.62
CA ASN A 173 23.51 13.14 -14.58
C ASN A 173 22.21 13.63 -15.22
N ALA A 174 21.43 12.69 -15.76
CA ALA A 174 20.13 12.99 -16.38
C ALA A 174 20.28 13.90 -17.60
N ASP A 175 21.45 13.91 -18.22
CA ASP A 175 21.69 14.77 -19.38
C ASP A 175 21.49 14.00 -20.69
N SER A 176 21.46 12.68 -20.61
CA SER A 176 21.30 11.85 -21.80
C SER A 176 20.40 10.64 -21.52
N MET A 177 19.92 10.01 -22.58
CA MET A 177 19.07 8.83 -22.46
C MET A 177 19.90 7.57 -22.23
N PHE A 178 19.26 6.54 -21.71
CA PHE A 178 19.93 5.28 -21.44
C PHE A 178 18.96 4.12 -21.61
N ARG A 179 19.48 2.97 -22.04
CA ARG A 179 18.65 1.79 -22.27
C ARG A 179 18.22 1.15 -20.95
N CYS A 180 16.91 1.04 -20.75
CA CYS A 180 16.38 0.43 -19.55
C CYS A 180 16.44 -1.08 -19.62
N PRO A 181 16.76 -1.74 -18.49
CA PRO A 181 16.77 -3.20 -18.58
C PRO A 181 15.32 -3.63 -18.82
N GLN A 182 15.12 -4.71 -19.56
CA GLN A 182 13.77 -5.20 -19.86
C GLN A 182 13.28 -6.13 -18.76
N SER A 183 12.17 -5.74 -18.12
CA SER A 183 11.61 -6.52 -17.01
C SER A 183 10.88 -7.77 -17.51
N ASP A 184 10.50 -7.78 -18.78
CA ASP A 184 9.81 -8.91 -19.37
C ASP A 184 8.64 -9.38 -18.49
N THR A 185 7.84 -8.43 -18.02
CA THR A 185 6.70 -8.72 -17.16
C THR A 185 5.41 -8.83 -17.96
N CYS A 186 5.47 -8.49 -19.24
CA CYS A 186 4.29 -8.54 -20.09
C CYS A 186 4.25 -9.82 -20.90
N ASP A 187 3.12 -10.52 -20.83
CA ASP A 187 2.92 -11.72 -21.62
C ASP A 187 2.72 -11.32 -23.09
N LYS A 188 3.77 -11.45 -23.87
CA LYS A 188 3.74 -11.03 -25.28
C LYS A 188 2.97 -12.01 -26.17
N THR A 189 2.46 -13.09 -25.60
CA THR A 189 1.69 -14.05 -26.39
C THR A 189 0.25 -13.57 -26.54
N ALA A 190 -0.03 -12.42 -25.93
CA ALA A 190 -1.35 -11.82 -25.97
C ALA A 190 -1.26 -10.31 -25.94
N LYS A 191 -2.32 -9.63 -26.36
CA LYS A 191 -2.33 -8.19 -26.35
C LYS A 191 -2.33 -7.64 -24.93
N VAL A 192 -1.96 -6.37 -24.80
CA VAL A 192 -1.90 -5.70 -23.51
C VAL A 192 -3.01 -4.67 -23.38
N LEU A 193 -3.76 -4.74 -22.29
CA LEU A 193 -4.85 -3.81 -22.05
C LEU A 193 -4.35 -2.44 -21.59
N PHE A 194 -4.90 -1.39 -22.20
CA PHE A 194 -4.64 -0.02 -21.78
C PHE A 194 -5.91 0.46 -21.09
N ARG A 195 -5.99 0.26 -19.79
CA ARG A 195 -7.21 0.52 -19.02
C ARG A 195 -7.69 1.96 -19.11
N ARG A 196 -8.99 2.10 -19.36
CA ARG A 196 -9.64 3.40 -19.42
C ARG A 196 -9.82 3.98 -18.01
N ASP B 1 -19.06 11.60 21.09
CA ASP B 1 -18.39 10.35 21.55
C ASP B 1 -18.68 9.23 20.54
N PHE B 2 -17.70 8.38 20.28
CA PHE B 2 -17.89 7.28 19.35
C PHE B 2 -18.65 6.15 20.01
N GLU B 3 -19.09 5.16 19.23
CA GLU B 3 -19.95 4.11 19.79
C GLU B 3 -19.24 2.79 20.08
N TYR B 4 -18.19 2.45 19.34
CA TYR B 4 -17.50 1.20 19.61
C TYR B 4 -16.10 1.21 19.08
N LEU B 5 -15.29 0.30 19.61
CA LEU B 5 -13.93 0.12 19.16
C LEU B 5 -13.81 -1.17 18.40
N GLN B 6 -13.27 -1.12 17.19
CA GLN B 6 -13.11 -2.33 16.42
C GLN B 6 -11.65 -2.72 16.30
N LEU B 7 -11.29 -3.82 16.96
CA LEU B 7 -9.96 -4.37 16.83
C LEU B 7 -9.89 -5.14 15.54
N VAL B 8 -9.01 -4.73 14.64
CA VAL B 8 -8.88 -5.38 13.36
C VAL B 8 -7.60 -6.17 13.30
N LEU B 9 -7.74 -7.49 13.20
CA LEU B 9 -6.59 -8.38 13.14
C LEU B 9 -6.41 -8.94 11.75
N THR B 10 -5.22 -8.77 11.20
CA THR B 10 -4.93 -9.29 9.87
C THR B 10 -4.38 -10.70 9.94
N TRP B 11 -4.68 -11.49 8.91
CA TRP B 11 -4.09 -12.79 8.77
C TRP B 11 -2.90 -12.63 7.81
N PRO B 12 -1.67 -12.58 8.36
CA PRO B 12 -0.46 -12.39 7.55
C PRO B 12 -0.35 -13.17 6.23
N ALA B 13 -0.59 -14.47 6.27
CA ALA B 13 -0.47 -15.28 5.05
C ALA B 13 -1.31 -14.71 3.92
N SER B 14 -2.52 -14.25 4.24
CA SER B 14 -3.39 -13.67 3.25
C SER B 14 -2.91 -12.28 2.85
N PHE B 15 -2.61 -11.47 3.84
CA PHE B 15 -2.15 -10.10 3.60
C PHE B 15 -0.96 -10.06 2.66
N CYS B 16 -0.02 -10.99 2.84
CA CYS B 16 1.17 -11.01 2.01
C CYS B 16 0.97 -11.70 0.67
N TYR B 17 -0.22 -12.25 0.47
CA TYR B 17 -0.53 -12.86 -0.83
C TYR B 17 -1.24 -11.84 -1.71
N ALA B 18 -2.10 -11.04 -1.08
CA ALA B 18 -2.87 -10.02 -1.79
C ALA B 18 -2.10 -8.69 -1.86
N ASN B 19 -1.07 -8.58 -1.04
CA ASN B 19 -0.25 -7.38 -1.00
C ASN B 19 1.23 -7.73 -1.06
N HIS B 20 2.06 -6.75 -1.39
CA HIS B 20 3.48 -6.94 -1.40
C HIS B 20 4.04 -6.72 0.00
N CYS B 21 4.77 -7.70 0.51
CA CYS B 21 5.31 -7.58 1.86
C CYS B 21 6.83 -7.54 1.85
N GLU B 22 7.37 -6.83 2.83
CA GLU B 22 8.81 -6.74 3.00
C GLU B 22 9.24 -7.49 4.25
N ARG B 23 8.25 -7.97 5.00
CA ARG B 23 8.48 -8.76 6.19
C ARG B 23 8.01 -10.18 5.98
N ILE B 24 8.55 -11.13 6.74
CA ILE B 24 8.06 -12.48 6.66
C ILE B 24 6.73 -12.56 7.38
N ALA B 25 5.72 -13.12 6.72
CA ALA B 25 4.38 -13.20 7.31
C ALA B 25 4.34 -14.10 8.54
N PRO B 26 3.96 -13.54 9.71
CA PRO B 26 3.88 -14.36 10.91
C PRO B 26 2.80 -15.43 10.72
N ASN B 27 2.92 -16.54 11.45
CA ASN B 27 1.96 -17.62 11.35
C ASN B 27 0.84 -17.44 12.37
N ASN B 28 0.54 -16.19 12.68
CA ASN B 28 -0.50 -15.86 13.63
C ASN B 28 -1.10 -14.51 13.30
N PHE B 29 -2.27 -14.22 13.84
CA PHE B 29 -2.91 -12.93 13.60
C PHE B 29 -2.08 -11.80 14.17
N THR B 30 -2.08 -10.67 13.48
CA THR B 30 -1.38 -9.48 13.92
C THR B 30 -2.32 -8.30 13.85
N ILE B 31 -2.00 -7.21 14.54
CA ILE B 31 -2.87 -6.06 14.54
C ILE B 31 -2.75 -5.28 13.25
N HIS B 32 -3.90 -4.94 12.66
CA HIS B 32 -3.93 -4.06 11.50
C HIS B 32 -4.39 -2.69 11.95
N GLY B 33 -5.28 -2.68 12.93
CA GLY B 33 -5.77 -1.42 13.45
C GLY B 33 -6.73 -1.55 14.62
N LEU B 34 -6.97 -0.41 15.25
CA LEU B 34 -7.94 -0.27 16.32
C LEU B 34 -8.78 0.94 16.00
N TRP B 35 -9.99 0.70 15.52
CA TRP B 35 -10.78 1.79 14.97
C TRP B 35 -11.98 2.21 15.81
N PRO B 36 -11.94 3.45 16.33
CA PRO B 36 -13.08 3.93 17.10
C PRO B 36 -14.10 4.16 15.98
N ASP B 37 -15.36 3.77 16.16
CA ASP B 37 -16.29 3.93 15.05
C ASP B 37 -17.71 4.11 15.53
N ASN B 38 -18.59 4.42 14.57
CA ASN B 38 -20.00 4.61 14.85
C ASN B 38 -20.85 3.67 14.02
N VAL B 39 -22.10 3.48 14.46
CA VAL B 39 -22.99 2.53 13.81
C VAL B 39 -23.62 3.08 12.52
N LYS B 40 -23.83 4.39 12.45
CA LYS B 40 -24.52 4.99 11.29
C LYS B 40 -23.60 5.31 10.12
N THR B 41 -22.38 5.76 10.41
CA THR B 41 -21.44 6.13 9.36
C THR B 41 -20.00 5.98 9.83
N ARG B 42 -19.09 5.79 8.88
CA ARG B 42 -17.68 5.58 9.18
C ARG B 42 -17.03 6.80 9.84
N LEU B 43 -16.31 6.54 10.93
CA LEU B 43 -15.62 7.57 11.66
C LEU B 43 -14.11 7.51 11.37
N HIS B 44 -13.54 8.64 10.95
CA HIS B 44 -12.11 8.67 10.63
C HIS B 44 -11.59 10.09 10.56
N ASN B 45 -10.27 10.23 10.67
CA ASN B 45 -9.60 11.53 10.57
C ASN B 45 -10.31 12.58 11.41
N CYS B 46 -10.45 12.30 12.70
CA CYS B 46 -11.15 13.18 13.63
C CYS B 46 -10.29 14.36 14.06
N LYS B 47 -10.95 15.40 14.53
CA LYS B 47 -10.28 16.57 15.05
C LYS B 47 -10.37 16.57 16.58
N PRO B 48 -9.40 17.20 17.25
CA PRO B 48 -8.24 17.89 16.67
C PRO B 48 -7.20 16.90 16.14
N LYS B 49 -6.61 17.20 14.99
CA LYS B 49 -5.60 16.32 14.45
C LYS B 49 -4.43 16.21 15.42
N PRO B 50 -4.10 14.99 15.84
CA PRO B 50 -3.00 14.81 16.79
C PRO B 50 -1.64 14.73 16.08
N THR B 51 -0.58 14.81 16.86
CA THR B 51 0.75 14.65 16.32
C THR B 51 1.30 13.29 16.72
N TYR B 52 1.98 12.63 15.80
CA TYR B 52 2.51 11.31 16.08
C TYR B 52 3.93 11.39 16.63
N SER B 53 4.13 10.79 17.80
CA SER B 53 5.45 10.71 18.42
C SER B 53 6.00 9.30 18.24
N TYR B 54 7.16 9.20 17.60
CA TYR B 54 7.76 7.90 17.33
C TYR B 54 8.03 7.12 18.60
N PHE B 55 7.69 5.84 18.57
CA PHE B 55 7.89 4.95 19.70
C PHE B 55 9.32 4.44 19.77
N THR B 56 9.75 4.15 21.00
CA THR B 56 11.06 3.61 21.26
C THR B 56 10.96 2.55 22.35
N GLY B 57 12.09 1.92 22.67
CA GLY B 57 12.11 0.92 23.73
C GLY B 57 11.11 -0.22 23.65
N LYS B 58 10.56 -0.58 24.81
CA LYS B 58 9.63 -1.69 24.91
C LYS B 58 8.44 -1.56 23.97
N MET B 59 7.77 -0.40 23.97
CA MET B 59 6.61 -0.22 23.11
C MET B 59 6.97 -0.48 21.65
N LEU B 60 8.13 0.02 21.23
CA LEU B 60 8.57 -0.20 19.85
C LEU B 60 8.73 -1.68 19.55
N ASN B 61 9.36 -2.41 20.47
CA ASN B 61 9.56 -3.84 20.27
C ASN B 61 8.24 -4.60 20.26
N ASP B 62 7.33 -4.25 21.18
CA ASP B 62 6.04 -4.93 21.24
C ASP B 62 5.22 -4.69 19.95
N LEU B 63 5.22 -3.45 19.48
CA LEU B 63 4.47 -3.12 18.27
C LEU B 63 5.08 -3.77 17.03
N ASP B 64 6.41 -3.82 16.96
CA ASP B 64 7.06 -4.42 15.81
C ASP B 64 6.66 -5.88 15.66
N LYS B 65 6.38 -6.52 16.78
CA LYS B 65 5.95 -7.92 16.75
C LYS B 65 4.44 -8.06 16.56
N HIS B 66 3.68 -7.49 17.48
CA HIS B 66 2.21 -7.64 17.49
C HIS B 66 1.49 -6.80 16.44
N TRP B 67 2.09 -5.67 16.05
CA TRP B 67 1.51 -4.82 15.01
C TRP B 67 2.53 -4.66 13.88
N MET B 68 3.15 -5.78 13.51
CA MET B 68 4.18 -5.77 12.49
C MET B 68 3.69 -5.08 11.21
N GLN B 69 4.48 -4.12 10.75
CA GLN B 69 4.17 -3.39 9.51
C GLN B 69 4.68 -4.19 8.33
N LEU B 70 3.85 -5.13 7.90
CA LEU B 70 4.20 -6.12 6.87
C LEU B 70 4.66 -5.55 5.55
N LYS B 71 4.16 -4.37 5.17
CA LYS B 71 4.52 -3.80 3.86
C LYS B 71 5.91 -3.18 3.85
N PHE B 72 6.51 -2.99 5.01
CA PHE B 72 7.79 -2.27 5.04
C PHE B 72 8.92 -3.08 5.62
N GLU B 73 10.13 -2.72 5.18
CA GLU B 73 11.33 -3.32 5.72
C GLU B 73 11.37 -3.07 7.22
N GLN B 74 12.00 -3.97 7.97
CA GLN B 74 12.05 -3.81 9.42
C GLN B 74 12.69 -2.49 9.85
N ASP B 75 13.82 -2.13 9.26
CA ASP B 75 14.49 -0.88 9.63
C ASP B 75 13.60 0.34 9.40
N TYR B 76 13.02 0.43 8.20
CA TYR B 76 12.14 1.55 7.89
C TYR B 76 10.92 1.55 8.80
N GLY B 77 10.39 0.36 9.07
CA GLY B 77 9.23 0.26 9.95
C GLY B 77 9.49 0.72 11.37
N ARG B 78 10.66 0.35 11.91
CA ARG B 78 11.00 0.72 13.27
C ARG B 78 11.46 2.18 13.38
N THR B 79 11.93 2.74 12.28
CA THR B 79 12.46 4.12 12.27
C THR B 79 11.39 5.15 11.91
N GLU B 80 10.74 4.95 10.76
CA GLU B 80 9.74 5.89 10.27
C GLU B 80 8.32 5.52 10.69
N GLN B 81 8.14 4.28 11.16
CA GLN B 81 6.84 3.81 11.66
C GLN B 81 5.68 4.35 10.82
N PRO B 82 5.73 4.15 9.49
CA PRO B 82 4.69 4.64 8.57
C PRO B 82 3.26 4.19 8.82
N SER B 83 3.05 2.90 9.09
CA SER B 83 1.70 2.40 9.28
C SER B 83 1.15 2.77 10.65
N TRP B 84 1.97 2.70 11.69
CA TRP B 84 1.51 3.10 13.01
C TRP B 84 1.11 4.58 13.01
N LYS B 85 1.89 5.39 12.30
CA LYS B 85 1.61 6.82 12.22
C LYS B 85 0.28 7.07 11.49
N TYR B 86 0.12 6.44 10.34
CA TYR B 86 -1.11 6.61 9.55
C TYR B 86 -2.33 6.15 10.35
N GLN B 87 -2.22 4.99 10.98
CA GLN B 87 -3.32 4.45 11.77
C GLN B 87 -3.67 5.36 12.94
N TYR B 88 -2.66 5.98 13.55
CA TYR B 88 -2.90 6.87 14.67
C TYR B 88 -3.63 8.13 14.23
N ILE B 89 -3.14 8.75 13.16
CA ILE B 89 -3.74 9.98 12.66
C ILE B 89 -5.16 9.74 12.14
N LYS B 90 -5.36 8.62 11.47
CA LYS B 90 -6.67 8.31 10.87
C LYS B 90 -7.67 7.77 11.88
N HIS B 91 -7.21 6.96 12.85
CA HIS B 91 -8.16 6.34 13.77
C HIS B 91 -7.90 6.72 15.23
N GLY B 92 -6.63 6.75 15.64
CA GLY B 92 -6.34 7.10 17.02
C GLY B 92 -6.86 8.48 17.35
N SER B 93 -6.97 9.33 16.33
CA SER B 93 -7.45 10.69 16.51
C SER B 93 -8.91 10.73 16.95
N CYS B 94 -9.61 9.61 16.76
CA CYS B 94 -11.03 9.56 17.07
C CYS B 94 -11.33 9.09 18.49
N CYS B 95 -10.30 8.82 19.30
CA CYS B 95 -10.53 8.39 20.68
C CYS B 95 -9.52 9.05 21.64
N GLN B 96 -9.33 10.36 21.50
CA GLN B 96 -8.37 11.09 22.30
C GLN B 96 -8.87 11.41 23.70
N LYS B 97 -10.18 11.39 23.89
CA LYS B 97 -10.75 11.68 25.20
C LYS B 97 -10.34 10.61 26.21
N ARG B 98 -10.42 9.35 25.81
CA ARG B 98 -10.12 8.23 26.68
C ARG B 98 -8.67 7.78 26.59
N TYR B 99 -8.07 7.89 25.41
CA TYR B 99 -6.73 7.37 25.25
C TYR B 99 -5.79 8.34 24.57
N ASN B 100 -4.60 8.47 25.13
CA ASN B 100 -3.55 9.24 24.49
C ASN B 100 -2.82 8.33 23.52
N GLN B 101 -1.80 8.82 22.83
CA GLN B 101 -1.12 7.97 21.86
C GLN B 101 -0.58 6.69 22.50
N ASN B 102 0.09 6.82 23.64
CA ASN B 102 0.67 5.66 24.29
C ASN B 102 -0.38 4.67 24.77
N THR B 103 -1.44 5.16 25.41
CA THR B 103 -2.47 4.27 25.92
C THR B 103 -3.33 3.68 24.79
N TYR B 104 -3.41 4.38 23.67
CA TYR B 104 -4.16 3.88 22.53
C TYR B 104 -3.47 2.65 21.94
N PHE B 105 -2.16 2.75 21.70
CA PHE B 105 -1.42 1.62 21.18
C PHE B 105 -1.32 0.53 22.24
N GLY B 106 -1.22 0.94 23.50
CA GLY B 106 -1.15 -0.03 24.58
C GLY B 106 -2.44 -0.82 24.64
N LEU B 107 -3.56 -0.13 24.38
CA LEU B 107 -4.86 -0.77 24.38
C LEU B 107 -4.97 -1.79 23.25
N ALA B 108 -4.43 -1.44 22.08
CA ALA B 108 -4.46 -2.35 20.95
C ALA B 108 -3.71 -3.64 21.30
N LEU B 109 -2.57 -3.50 21.96
CA LEU B 109 -1.78 -4.64 22.38
C LEU B 109 -2.54 -5.48 23.40
N ARG B 110 -3.23 -4.81 24.32
CA ARG B 110 -4.00 -5.49 25.36
C ARG B 110 -5.17 -6.27 24.76
N LEU B 111 -5.92 -5.66 23.85
CA LEU B 111 -7.06 -6.32 23.24
C LEU B 111 -6.61 -7.51 22.39
N LYS B 112 -5.47 -7.38 21.73
CA LYS B 112 -4.95 -8.50 20.94
C LYS B 112 -4.62 -9.66 21.86
N ASP B 113 -4.19 -9.34 23.08
CA ASP B 113 -3.83 -10.36 24.05
C ASP B 113 -5.04 -10.89 24.80
N LYS B 114 -6.23 -10.53 24.32
CA LYS B 114 -7.46 -11.00 24.93
C LYS B 114 -7.95 -12.24 24.19
N PHE B 115 -7.38 -12.47 23.01
CA PHE B 115 -7.81 -13.59 22.18
C PHE B 115 -6.67 -14.39 21.61
N ASP B 116 -7.03 -15.58 21.18
CA ASP B 116 -6.18 -16.50 20.46
C ASP B 116 -7.03 -17.13 19.39
N LEU B 117 -7.48 -16.29 18.46
CA LEU B 117 -8.38 -16.68 17.39
C LEU B 117 -7.90 -17.90 16.63
N LEU B 118 -6.59 -18.03 16.44
CA LEU B 118 -6.08 -19.18 15.73
C LEU B 118 -6.43 -20.47 16.47
N ARG B 119 -6.26 -20.45 17.80
CA ARG B 119 -6.58 -21.60 18.62
C ARG B 119 -8.08 -21.84 18.64
N THR B 120 -8.85 -20.76 18.73
CA THR B 120 -10.31 -20.88 18.72
C THR B 120 -10.78 -21.54 17.44
N LEU B 121 -10.25 -21.08 16.31
CA LEU B 121 -10.60 -21.65 15.03
C LEU B 121 -10.22 -23.12 14.97
N GLN B 122 -9.04 -23.44 15.51
CA GLN B 122 -8.55 -24.82 15.52
C GLN B 122 -9.49 -25.76 16.29
N THR B 123 -10.00 -25.28 17.42
CA THR B 123 -10.92 -26.07 18.21
C THR B 123 -12.20 -26.37 17.43
N HIS B 124 -12.50 -25.51 16.47
CA HIS B 124 -13.69 -25.67 15.64
C HIS B 124 -13.35 -26.31 14.31
N ARG B 125 -12.16 -26.90 14.24
CA ARG B 125 -11.69 -27.63 13.06
C ARG B 125 -11.47 -26.71 11.86
N ILE B 126 -11.22 -25.43 12.12
CA ILE B 126 -10.92 -24.50 11.05
C ILE B 126 -9.43 -24.17 11.09
N ILE B 127 -8.69 -24.75 10.15
CA ILE B 127 -7.24 -24.65 10.15
C ILE B 127 -6.70 -24.12 8.82
N PRO B 128 -5.61 -23.34 8.87
CA PRO B 128 -5.03 -22.81 7.63
C PRO B 128 -4.65 -23.95 6.68
N GLY B 129 -4.90 -23.74 5.38
CA GLY B 129 -4.55 -24.77 4.41
C GLY B 129 -5.76 -25.31 3.67
N SER B 130 -6.95 -24.88 4.05
CA SER B 130 -8.18 -25.34 3.40
C SER B 130 -9.20 -24.22 3.33
N SER B 131 -10.41 -24.54 2.87
CA SER B 131 -11.48 -23.56 2.74
C SER B 131 -12.68 -23.94 3.57
N TYR B 132 -13.38 -22.94 4.09
CA TYR B 132 -14.52 -23.16 4.97
C TYR B 132 -15.68 -22.24 4.66
N THR B 133 -16.88 -22.64 5.03
CA THR B 133 -18.03 -21.79 4.81
C THR B 133 -17.94 -20.56 5.68
N PHE B 134 -18.36 -19.41 5.15
CA PHE B 134 -18.31 -18.18 5.91
C PHE B 134 -18.98 -18.34 7.28
N GLN B 135 -20.16 -18.96 7.28
CA GLN B 135 -20.92 -19.16 8.51
C GLN B 135 -20.12 -19.90 9.57
N ASP B 136 -19.36 -20.90 9.16
CA ASP B 136 -18.55 -21.67 10.10
C ASP B 136 -17.47 -20.80 10.75
N ILE B 137 -16.82 -19.96 9.96
CA ILE B 137 -15.79 -19.07 10.49
C ILE B 137 -16.43 -18.06 11.45
N PHE B 138 -17.53 -17.46 11.02
CA PHE B 138 -18.26 -16.49 11.82
C PHE B 138 -18.69 -17.10 13.16
N ASP B 139 -19.28 -18.29 13.10
CA ASP B 139 -19.75 -18.98 14.30
C ASP B 139 -18.60 -19.26 15.26
N ALA B 140 -17.47 -19.72 14.75
CA ALA B 140 -16.31 -20.03 15.57
C ALA B 140 -15.81 -18.79 16.30
N ILE B 141 -15.66 -17.69 15.57
CA ILE B 141 -15.17 -16.46 16.18
C ILE B 141 -16.17 -15.89 17.19
N LYS B 142 -17.46 -15.99 16.88
CA LYS B 142 -18.47 -15.44 17.77
C LYS B 142 -18.46 -16.11 19.15
N THR B 143 -17.98 -17.33 19.24
CA THR B 143 -17.94 -18.00 20.54
C THR B 143 -17.03 -17.25 21.52
N VAL B 144 -16.08 -16.47 21.00
CA VAL B 144 -15.17 -15.72 21.86
C VAL B 144 -15.42 -14.21 21.77
N SER B 145 -15.89 -13.73 20.62
CA SER B 145 -16.19 -12.31 20.51
C SER B 145 -17.51 -11.99 21.21
N GLN B 146 -18.31 -13.04 21.42
CA GLN B 146 -19.62 -12.97 22.08
C GLN B 146 -20.63 -12.24 21.22
N GLU B 147 -20.34 -10.98 20.90
CA GLU B 147 -21.19 -10.24 19.98
C GLU B 147 -20.73 -10.51 18.54
N ASN B 148 -21.49 -10.07 17.55
CA ASN B 148 -21.14 -10.35 16.16
C ASN B 148 -19.77 -9.82 15.77
N PRO B 149 -18.90 -10.69 15.24
CA PRO B 149 -17.58 -10.23 14.81
C PRO B 149 -17.74 -9.86 13.34
N ASP B 150 -16.70 -9.29 12.74
CA ASP B 150 -16.77 -8.97 11.32
C ASP B 150 -15.69 -9.74 10.58
N ILE B 151 -16.12 -10.69 9.76
CA ILE B 151 -15.21 -11.49 8.98
C ILE B 151 -14.97 -10.82 7.63
N LYS B 152 -13.74 -10.38 7.40
CA LYS B 152 -13.40 -9.65 6.17
C LYS B 152 -12.61 -10.52 5.22
N CYS B 153 -12.96 -10.46 3.95
CA CYS B 153 -12.30 -11.28 2.95
C CYS B 153 -11.63 -10.48 1.87
N ALA B 154 -10.59 -11.09 1.33
CA ALA B 154 -9.91 -10.59 0.16
C ALA B 154 -10.27 -11.51 -0.98
N GLU B 155 -10.09 -11.07 -2.22
CA GLU B 155 -10.41 -11.92 -3.35
C GLU B 155 -9.42 -11.71 -4.47
N VAL B 156 -8.32 -12.45 -4.43
CA VAL B 156 -7.27 -12.31 -5.42
C VAL B 156 -7.70 -12.86 -6.77
N THR B 157 -8.50 -13.92 -6.73
CA THR B 157 -9.05 -14.52 -7.93
C THR B 157 -10.57 -14.57 -7.80
N LYS B 158 -11.28 -14.11 -8.82
CA LYS B 158 -12.73 -14.09 -8.76
C LYS B 158 -13.29 -15.45 -8.40
N GLY B 159 -14.10 -15.47 -7.34
CA GLY B 159 -14.70 -16.73 -6.91
C GLY B 159 -13.93 -17.41 -5.80
N THR B 160 -12.82 -16.81 -5.39
CA THR B 160 -12.01 -17.38 -4.32
C THR B 160 -11.83 -16.40 -3.16
N PRO B 161 -12.89 -16.18 -2.38
CA PRO B 161 -12.71 -15.26 -1.25
C PRO B 161 -11.78 -15.94 -0.24
N GLU B 162 -10.99 -15.16 0.48
CA GLU B 162 -10.11 -15.74 1.49
C GLU B 162 -10.08 -14.88 2.73
N LEU B 163 -9.95 -15.53 3.89
CA LEU B 163 -9.90 -14.83 5.16
C LEU B 163 -8.74 -13.85 5.17
N TYR B 164 -9.07 -12.57 5.28
CA TYR B 164 -8.08 -11.50 5.21
C TYR B 164 -7.90 -10.81 6.56
N GLU B 165 -9.02 -10.43 7.17
CA GLU B 165 -9.00 -9.76 8.47
C GLU B 165 -10.21 -10.17 9.29
N ILE B 166 -10.07 -10.06 10.60
CA ILE B 166 -11.16 -10.31 11.51
C ILE B 166 -11.34 -9.15 12.46
N GLY B 167 -12.55 -8.62 12.52
CA GLY B 167 -12.79 -7.50 13.41
C GLY B 167 -13.60 -7.93 14.61
N ILE B 168 -13.17 -7.49 15.78
CA ILE B 168 -13.86 -7.76 17.04
C ILE B 168 -14.18 -6.43 17.70
N CYS B 169 -15.44 -6.20 18.06
CA CYS B 169 -15.83 -4.90 18.59
C CYS B 169 -16.06 -4.89 20.09
N PHE B 170 -15.77 -3.73 20.67
CA PHE B 170 -15.91 -3.50 22.10
C PHE B 170 -16.54 -2.14 22.36
N THR B 171 -17.02 -1.94 23.57
CA THR B 171 -17.53 -0.64 23.95
C THR B 171 -16.37 0.36 24.00
N PRO B 172 -16.65 1.66 23.96
CA PRO B 172 -15.57 2.66 24.00
C PRO B 172 -14.55 2.50 25.13
N ASN B 173 -15.01 2.07 26.31
CA ASN B 173 -14.11 1.87 27.44
C ASN B 173 -13.39 0.53 27.37
N ALA B 174 -13.68 -0.24 26.33
CA ALA B 174 -13.06 -1.55 26.10
C ALA B 174 -13.29 -2.53 27.24
N ASP B 175 -14.35 -2.31 28.03
CA ASP B 175 -14.65 -3.19 29.15
C ASP B 175 -15.74 -4.21 28.82
N SER B 176 -16.39 -4.04 27.68
CA SER B 176 -17.46 -4.95 27.26
C SER B 176 -17.41 -5.19 25.76
N MET B 177 -18.12 -6.21 25.30
CA MET B 177 -18.18 -6.52 23.88
C MET B 177 -19.26 -5.71 23.20
N PHE B 178 -19.13 -5.51 21.89
CA PHE B 178 -20.10 -4.77 21.11
C PHE B 178 -20.29 -5.41 19.75
N ARG B 179 -21.49 -5.31 19.20
CA ARG B 179 -21.81 -5.90 17.92
C ARG B 179 -21.14 -5.15 16.77
N CYS B 180 -20.34 -5.85 15.99
CA CYS B 180 -19.64 -5.26 14.85
C CYS B 180 -20.54 -5.20 13.63
N PRO B 181 -20.61 -4.03 12.97
CA PRO B 181 -21.45 -4.02 11.77
C PRO B 181 -20.84 -4.97 10.74
N GLN B 182 -21.69 -5.59 9.92
CA GLN B 182 -21.23 -6.54 8.91
C GLN B 182 -20.89 -5.81 7.60
N SER B 183 -19.64 -5.94 7.15
CA SER B 183 -19.18 -5.25 5.95
C SER B 183 -19.43 -6.06 4.67
N ASP B 184 -19.90 -7.29 4.82
CA ASP B 184 -20.20 -8.15 3.67
C ASP B 184 -19.16 -8.00 2.54
N THR B 185 -18.00 -8.62 2.73
CA THR B 185 -16.95 -8.59 1.71
C THR B 185 -16.66 -9.99 1.21
N CYS B 186 -17.22 -10.98 1.89
CA CYS B 186 -17.03 -12.37 1.52
C CYS B 186 -18.20 -12.89 0.70
N ASP B 187 -17.88 -13.52 -0.43
CA ASP B 187 -18.92 -14.12 -1.27
C ASP B 187 -19.32 -15.48 -0.70
N LYS B 188 -20.46 -15.52 -0.02
CA LYS B 188 -20.94 -16.72 0.66
C LYS B 188 -21.20 -17.89 -0.30
N THR B 189 -21.48 -17.59 -1.57
CA THR B 189 -21.74 -18.67 -2.52
C THR B 189 -20.51 -19.55 -2.69
N ALA B 190 -19.37 -19.08 -2.20
CA ALA B 190 -18.14 -19.83 -2.29
C ALA B 190 -17.50 -20.00 -0.92
N LYS B 191 -16.79 -21.11 -0.72
CA LYS B 191 -16.10 -21.34 0.52
C LYS B 191 -14.99 -20.31 0.68
N VAL B 192 -14.63 -20.01 1.92
CA VAL B 192 -13.59 -19.03 2.22
C VAL B 192 -12.25 -19.70 2.45
N LEU B 193 -11.26 -19.31 1.66
CA LEU B 193 -9.93 -19.90 1.77
C LEU B 193 -9.16 -19.36 2.98
N PHE B 194 -8.56 -20.27 3.73
CA PHE B 194 -7.72 -19.93 4.87
C PHE B 194 -6.27 -20.24 4.50
N ARG B 195 -5.57 -19.22 4.00
CA ARG B 195 -4.21 -19.41 3.49
C ARG B 195 -3.21 -19.80 4.57
N ARG B 196 -2.26 -20.63 4.21
CA ARG B 196 -1.21 -21.07 5.13
C ARG B 196 0.07 -20.29 4.90
C1 NAG C . -0.26 14.89 -19.06
C2 NAG C . -0.88 16.21 -19.55
C3 NAG C . 0.09 16.95 -20.47
C4 NAG C . 1.41 17.16 -19.73
C5 NAG C . 1.96 15.79 -19.31
C6 NAG C . 3.26 15.91 -18.55
C7 NAG C . -3.13 16.81 -20.19
C8 NAG C . -4.23 16.65 -21.21
N2 NAG C . -2.12 15.95 -20.25
O3 NAG C . -0.46 18.21 -20.83
O4 NAG C . 2.35 17.83 -20.59
O5 NAG C . 1.02 15.13 -18.44
O6 NAG C . 3.06 16.56 -17.30
O7 NAG C . -3.19 17.70 -19.34
C1 NAG C . 3.01 18.93 -20.06
C2 NAG C . 3.88 19.55 -21.15
C3 NAG C . 4.53 20.84 -20.65
C4 NAG C . 3.46 21.81 -20.07
C5 NAG C . 2.60 21.06 -19.04
C6 NAG C . 1.45 21.90 -18.52
C7 NAG C . 4.85 18.05 -22.77
C8 NAG C . 5.86 16.96 -23.08
N2 NAG C . 4.90 18.60 -21.56
O3 NAG C . 5.20 21.47 -21.72
O4 NAG C . 4.09 22.93 -19.43
O5 NAG C . 2.01 19.88 -19.63
O6 NAG C . 0.52 22.21 -19.55
O7 NAG C . 4.02 18.37 -23.62
C1 BMA C . 4.41 24.03 -20.21
C2 BMA C . 4.27 25.32 -19.40
C3 BMA C . 4.81 26.53 -20.19
C4 BMA C . 6.22 26.25 -20.71
C5 BMA C . 6.22 24.94 -21.49
C6 BMA C . 7.60 24.55 -22.00
O2 BMA C . 5.01 25.20 -18.16
O3 BMA C . 4.82 27.69 -19.35
O4 BMA C . 6.63 27.31 -21.56
O5 BMA C . 5.77 23.86 -20.63
O6 BMA C . 7.60 23.15 -22.32
C1 XYP C . 4.25 25.10 -17.00
C2 XYP C . 5.10 24.46 -15.89
C3 XYP C . 4.38 24.51 -14.54
C4 XYP C . 3.90 25.92 -14.24
C5 XYP C . 3.06 26.46 -15.41
O2 XYP C . 5.38 23.10 -16.23
O3 XYP C . 5.25 24.08 -13.52
O4 XYP C . 3.12 25.92 -13.05
O5 XYP C . 3.85 26.43 -16.62
C1 MAN C . 8.74 22.74 -23.02
C2 MAN C . 8.60 21.28 -23.43
C3 MAN C . 8.65 20.39 -22.18
C4 MAN C . 9.93 20.65 -21.40
C5 MAN C . 10.03 22.14 -21.06
C6 MAN C . 11.31 22.50 -20.36
O2 MAN C . 9.62 20.92 -24.33
O3 MAN C . 8.58 19.02 -22.56
O4 MAN C . 9.93 19.87 -20.20
O5 MAN C . 9.94 22.93 -22.26
O6 MAN C . 12.37 22.71 -21.29
C1 NAG D . -1.09 -16.32 18.56
C2 NAG D . -0.22 -17.23 19.44
C3 NAG D . -0.79 -17.40 20.85
C4 NAG D . -0.95 -16.01 21.44
C5 NAG D . -1.88 -15.19 20.55
C6 NAG D . -2.11 -13.78 21.08
C7 NAG D . 1.21 -18.90 18.51
C8 NAG D . 1.88 -19.88 19.46
N2 NAG D . -0.04 -18.52 18.81
O3 NAG D . 0.13 -18.15 21.64
O4 NAG D . -1.47 -16.11 22.78
O5 NAG D . -1.30 -15.06 19.24
O6 NAG D . -0.94 -12.99 20.91
O7 NAG D . 1.82 -18.45 17.55
C1 NAG D . -0.67 -15.53 23.75
C2 NAG D . -1.37 -15.46 25.09
C3 NAG D . -0.44 -14.67 26.02
C4 NAG D . 0.98 -15.29 26.06
C5 NAG D . 1.51 -15.67 24.66
C6 NAG D . 2.69 -16.62 24.73
C7 NAG D . -3.77 -15.50 24.87
C8 NAG D . -5.06 -14.72 24.73
N2 NAG D . -2.65 -14.80 24.97
O3 NAG D . -0.99 -14.66 27.33
O4 NAG D . 1.90 -14.33 26.61
O5 NAG D . 0.49 -16.33 23.89
O6 NAG D . 2.35 -17.81 25.42
O7 NAG D . -3.79 -16.74 24.89
C1 BMA D . 2.35 -14.55 27.90
C2 BMA D . 3.75 -13.97 28.02
C3 BMA D . 4.23 -14.02 29.47
C4 BMA D . 3.21 -13.39 30.40
C5 BMA D . 1.82 -13.97 30.16
C6 BMA D . 0.80 -13.20 30.96
O2 BMA D . 3.75 -12.60 27.56
O3 BMA D . 5.46 -13.29 29.58
O4 BMA D . 3.60 -13.60 31.75
O5 BMA D . 1.46 -13.84 28.77
O6 BMA D . -0.52 -13.53 30.50
C1 MAN D . 6.42 -13.81 30.44
C2 MAN D . 7.15 -12.66 31.15
C3 MAN D . 7.87 -11.81 30.10
C4 MAN D . 8.84 -12.69 29.31
C5 MAN D . 8.11 -13.91 28.71
C6 MAN D . 9.05 -14.91 28.08
O2 MAN D . 8.10 -13.17 32.09
O3 MAN D . 8.58 -10.76 30.74
O4 MAN D . 9.44 -11.93 28.26
O5 MAN D . 7.37 -14.61 29.75
O6 MAN D . 8.33 -15.94 27.44
C1 NAG D . 7.63 -13.49 33.36
C2 NAG D . 8.61 -14.44 34.03
C3 NAG D . 8.21 -14.69 35.49
C4 NAG D . 8.00 -13.35 36.22
C5 NAG D . 7.03 -12.48 35.43
C6 NAG D . 6.83 -11.11 36.06
C7 NAG D . 9.76 -16.19 32.81
C8 NAG D . 10.63 -17.03 33.74
N2 NAG D . 8.62 -15.71 33.32
O3 NAG D . 9.22 -15.44 36.15
O4 NAG D . 7.49 -13.59 37.52
O5 NAG D . 7.52 -12.27 34.10
O6 NAG D . 5.63 -10.52 35.61
O7 NAG D . 10.11 -15.99 31.66
C1 XYP D . 4.36 -12.36 26.34
C2 XYP D . 3.97 -10.97 25.84
C3 XYP D . 4.71 -10.65 24.55
C4 XYP D . 6.23 -10.86 24.72
C5 XYP D . 6.50 -12.26 25.30
O2 XYP D . 2.57 -10.90 25.61
O3 XYP D . 4.47 -9.31 24.18
O4 XYP D . 6.88 -10.74 23.47
O5 XYP D . 5.78 -12.44 26.53
C1 MAN D . -1.50 -13.01 31.37
C2 MAN D . -2.89 -13.37 30.85
C3 MAN D . -3.22 -12.57 29.59
C4 MAN D . -3.07 -11.08 29.88
C5 MAN D . -1.64 -10.82 30.37
C6 MAN D . -1.38 -9.36 30.71
O2 MAN D . -3.86 -13.09 31.85
O3 MAN D . -4.54 -12.85 29.17
O4 MAN D . -3.32 -10.32 28.71
O5 MAN D . -1.38 -11.60 31.56
O6 MAN D . -2.58 -8.62 30.78
#